data_1XHB
#
_entry.id   1XHB
#
_cell.length_a   65.605
_cell.length_b   65.605
_cell.length_c   125.947
_cell.angle_alpha   90.00
_cell.angle_beta   90.00
_cell.angle_gamma   90.00
#
_symmetry.space_group_name_H-M   'P 43'
#
loop_
_entity.id
_entity.type
_entity.pdbx_description
1 polymer 'Polypeptide N-acetylgalactosaminyltransferase 1'
2 branched beta-D-mannopyranose-(1-4)-2-acetamido-2-deoxy-beta-D-glucopyranose-(1-4)-2-acetamido-2-deoxy-beta-D-glucopyranose
3 non-polymer 'MANGANESE (II) ION'
4 non-polymer 'CALCIUM ION'
5 water water
#
_entity_poly.entity_id   1
_entity_poly.type   'polypeptide(L)'
_entity_poly.pdbx_seq_one_letter_code
;ASEMIALNRSLPDVRLEGCKTKVYPDNLPTTSVVIVFHNEAWSTLLRTVHSVINRSPRHMIEEIVLVDDASERDFLKRPL
ESYVKKLKVPVHVIRMEQRSGLIRARLKGAAVSRGQVITFLDAHCECTAGWLEPLLARIKHDRRTVVCPIIDVISDDTFE
YMAGSDMTYGGFNWKLNFRWYPVPQREMDRRKGDRTLPVRTPTMAGGLFSIDRDYFQEIGTYDAGMDIWGGENLEISFRI
WQCGGTLEIVTCSHVGHVFRKATPYTFPGGTGQIINKNNRRLAEVWMDEFKNFFYIISPGVTKVDYGDISSRLGLRRKLQ
CKPFSWYLENIYPDSQIPRHYFSLGEIRNVETNQCLDNMARKENEKVGIFNCHGMGGNQVFSYTANKEIRTDDLCLDVSK
LNGPVTMLKCHHLKGNQLWEYDPVKLTLQHVNSNQCLDKATEEDSQVPSIRDCTGSRSQQWLLRNVTLPEIF
;
_entity_poly.pdbx_strand_id   A
#
# COMPACT_ATOMS: atom_id res chain seq x y z
N ASN A 8 -18.09 -11.92 -21.38
CA ASN A 8 -19.01 -11.73 -20.23
C ASN A 8 -19.58 -13.06 -19.75
N ARG A 9 -19.55 -13.22 -18.44
CA ARG A 9 -20.07 -14.38 -17.72
C ARG A 9 -20.79 -13.70 -16.55
N SER A 10 -21.36 -14.44 -15.61
CA SER A 10 -22.02 -13.73 -14.54
C SER A 10 -21.33 -13.99 -13.21
N LEU A 11 -21.79 -13.30 -12.18
CA LEU A 11 -21.21 -13.52 -10.87
C LEU A 11 -22.34 -13.30 -9.91
N PRO A 12 -22.08 -13.48 -8.62
CA PRO A 12 -23.13 -13.29 -7.64
C PRO A 12 -22.97 -11.85 -7.20
N ASP A 13 -23.92 -11.37 -6.40
CA ASP A 13 -23.82 -10.01 -5.92
C ASP A 13 -22.95 -10.08 -4.67
N VAL A 14 -21.72 -9.59 -4.77
CA VAL A 14 -20.81 -9.63 -3.64
C VAL A 14 -20.90 -8.44 -2.70
N ARG A 15 -21.68 -7.42 -3.07
CA ARG A 15 -21.81 -6.25 -2.25
C ARG A 15 -22.48 -6.51 -0.92
N LEU A 16 -22.09 -5.69 0.05
CA LEU A 16 -22.60 -5.70 1.41
C LEU A 16 -24.12 -5.42 1.36
N GLU A 17 -24.92 -6.22 2.06
CA GLU A 17 -26.37 -6.03 2.05
C GLU A 17 -26.89 -4.58 1.90
N GLY A 18 -26.48 -3.69 2.80
CA GLY A 18 -26.94 -2.30 2.73
C GLY A 18 -26.74 -1.56 1.42
N CYS A 19 -25.67 -1.87 0.71
CA CYS A 19 -25.38 -1.21 -0.55
C CYS A 19 -26.50 -1.40 -1.58
N LYS A 20 -27.11 -2.58 -1.58
CA LYS A 20 -28.17 -2.90 -2.53
C LYS A 20 -29.36 -1.95 -2.51
N THR A 21 -29.53 -1.22 -1.42
CA THR A 21 -30.67 -0.30 -1.32
C THR A 21 -30.33 1.16 -1.67
N LYS A 22 -29.16 1.61 -1.25
CA LYS A 22 -28.71 2.99 -1.50
C LYS A 22 -29.12 3.58 -2.84
N VAL A 23 -29.53 4.84 -2.81
CA VAL A 23 -29.92 5.57 -4.02
C VAL A 23 -28.93 6.73 -4.17
N TYR A 24 -28.36 6.89 -5.35
CA TYR A 24 -27.39 7.95 -5.60
C TYR A 24 -28.02 9.10 -6.37
N PRO A 25 -27.61 10.35 -6.06
CA PRO A 25 -28.18 11.52 -6.76
C PRO A 25 -28.08 11.41 -8.27
N ASP A 26 -28.95 12.13 -8.98
CA ASP A 26 -28.93 12.08 -10.43
C ASP A 26 -27.82 12.96 -11.00
N ASN A 27 -27.45 12.66 -12.24
CA ASN A 27 -26.42 13.40 -12.95
C ASN A 27 -25.01 13.26 -12.39
N LEU A 28 -24.58 12.03 -12.16
CA LEU A 28 -23.22 11.80 -11.69
C LEU A 28 -22.41 12.10 -12.94
N PRO A 29 -21.10 12.37 -12.81
CA PRO A 29 -20.34 12.65 -14.02
C PRO A 29 -20.15 11.41 -14.89
N THR A 30 -19.70 11.61 -16.12
CA THR A 30 -19.47 10.52 -17.05
C THR A 30 -18.00 10.15 -16.98
N THR A 31 -17.69 8.86 -17.03
CA THR A 31 -16.31 8.41 -16.94
C THR A 31 -15.80 7.72 -18.19
N SER A 32 -14.50 7.85 -18.43
CA SER A 32 -13.83 7.20 -19.55
C SER A 32 -12.88 6.17 -18.96
N VAL A 33 -13.26 4.89 -18.99
CA VAL A 33 -12.37 3.89 -18.42
C VAL A 33 -11.14 3.77 -19.30
N VAL A 34 -9.96 3.75 -18.68
CA VAL A 34 -8.70 3.64 -19.40
C VAL A 34 -7.98 2.38 -18.96
N ILE A 35 -7.70 1.51 -19.94
CA ILE A 35 -7.02 0.25 -19.69
C ILE A 35 -5.79 0.09 -20.57
N VAL A 36 -4.66 -0.25 -19.96
CA VAL A 36 -3.42 -0.45 -20.70
C VAL A 36 -3.14 -1.95 -20.68
N PHE A 37 -2.58 -2.47 -21.76
CA PHE A 37 -2.31 -3.90 -21.83
C PHE A 37 -1.03 -4.25 -22.57
N HIS A 38 -0.54 -5.45 -22.33
CA HIS A 38 0.66 -5.93 -22.98
C HIS A 38 0.57 -7.43 -23.20
N ASN A 39 0.31 -7.84 -24.43
CA ASN A 39 0.22 -9.25 -24.77
C ASN A 39 -0.85 -10.00 -23.97
N GLU A 40 -1.83 -9.28 -23.44
CA GLU A 40 -2.88 -9.93 -22.66
C GLU A 40 -3.67 -10.89 -23.55
N ALA A 41 -4.00 -12.05 -23.01
CA ALA A 41 -4.77 -13.04 -23.76
C ALA A 41 -6.07 -12.37 -24.24
N TRP A 42 -6.55 -12.79 -25.40
CA TRP A 42 -7.77 -12.23 -25.99
C TRP A 42 -8.99 -12.32 -25.07
N SER A 43 -9.30 -13.54 -24.62
CA SER A 43 -10.45 -13.75 -23.75
C SER A 43 -10.45 -12.86 -22.50
N THR A 44 -9.30 -12.83 -21.81
CA THR A 44 -9.14 -12.04 -20.60
C THR A 44 -9.40 -10.57 -20.90
N LEU A 45 -8.73 -10.03 -21.91
CA LEU A 45 -8.91 -8.63 -22.27
C LEU A 45 -10.37 -8.28 -22.56
N LEU A 46 -11.05 -9.10 -23.36
CA LEU A 46 -12.43 -8.82 -23.70
C LEU A 46 -13.42 -9.11 -22.57
N ARG A 47 -13.02 -9.95 -21.62
CA ARG A 47 -13.90 -10.24 -20.48
C ARG A 47 -13.98 -8.96 -19.67
N THR A 48 -12.86 -8.21 -19.65
CA THR A 48 -12.80 -6.95 -18.93
C THR A 48 -13.68 -5.94 -19.63
N VAL A 49 -13.47 -5.81 -20.94
CA VAL A 49 -14.25 -4.88 -21.76
C VAL A 49 -15.75 -5.13 -21.63
N HIS A 50 -16.15 -6.39 -21.78
CA HIS A 50 -17.56 -6.74 -21.68
C HIS A 50 -18.13 -6.50 -20.29
N SER A 51 -17.36 -6.83 -19.25
CA SER A 51 -17.84 -6.63 -17.89
C SER A 51 -18.09 -5.12 -17.69
N VAL A 52 -17.27 -4.29 -18.30
CA VAL A 52 -17.44 -2.85 -18.18
C VAL A 52 -18.73 -2.37 -18.81
N ILE A 53 -19.05 -2.83 -20.02
CA ILE A 53 -20.28 -2.38 -20.67
C ILE A 53 -21.54 -3.02 -20.08
N ASN A 54 -21.46 -4.30 -19.76
CA ASN A 54 -22.63 -5.00 -19.22
C ASN A 54 -22.98 -4.70 -17.77
N ARG A 55 -21.98 -4.31 -16.98
CA ARG A 55 -22.18 -4.03 -15.56
C ARG A 55 -22.25 -2.54 -15.23
N SER A 56 -22.18 -1.71 -16.28
CA SER A 56 -22.22 -0.27 -16.11
C SER A 56 -23.38 0.40 -16.82
N PRO A 57 -24.05 1.34 -16.14
CA PRO A 57 -25.18 2.06 -16.74
C PRO A 57 -24.65 2.87 -17.92
N ARG A 58 -25.08 2.53 -19.14
CA ARG A 58 -24.61 3.18 -20.36
C ARG A 58 -24.47 4.71 -20.32
N HIS A 59 -25.39 5.41 -19.66
CA HIS A 59 -25.31 6.85 -19.62
C HIS A 59 -24.25 7.36 -18.65
N MET A 60 -23.52 6.45 -18.03
CA MET A 60 -22.48 6.84 -17.07
C MET A 60 -21.08 6.66 -17.67
N ILE A 61 -21.02 5.94 -18.79
CA ILE A 61 -19.76 5.70 -19.46
C ILE A 61 -19.62 6.53 -20.73
N GLU A 62 -18.50 7.26 -20.81
CA GLU A 62 -18.21 8.08 -21.97
C GLU A 62 -17.76 7.15 -23.06
N GLU A 63 -16.60 6.55 -22.84
CA GLU A 63 -16.00 5.63 -23.78
C GLU A 63 -15.00 4.77 -23.05
N ILE A 64 -14.43 3.82 -23.76
CA ILE A 64 -13.43 2.93 -23.19
C ILE A 64 -12.18 3.10 -24.04
N VAL A 65 -11.05 3.37 -23.38
CA VAL A 65 -9.80 3.54 -24.09
C VAL A 65 -8.87 2.40 -23.76
N LEU A 66 -8.48 1.65 -24.79
CA LEU A 66 -7.59 0.52 -24.62
C LEU A 66 -6.20 0.96 -25.10
N VAL A 67 -5.23 0.95 -24.19
CA VAL A 67 -3.87 1.35 -24.54
C VAL A 67 -2.95 0.15 -24.71
N ASP A 68 -2.59 -0.14 -25.95
CA ASP A 68 -1.69 -1.25 -26.26
C ASP A 68 -0.25 -0.83 -25.99
N ASP A 69 0.38 -1.49 -25.03
CA ASP A 69 1.75 -1.14 -24.70
C ASP A 69 2.78 -1.91 -25.51
N ALA A 70 2.80 -1.68 -26.81
CA ALA A 70 3.75 -2.33 -27.70
C ALA A 70 3.70 -3.84 -27.55
N SER A 71 2.54 -4.42 -27.80
CA SER A 71 2.41 -5.85 -27.70
C SER A 71 3.17 -6.49 -28.86
N GLU A 72 2.93 -7.78 -29.08
CA GLU A 72 3.56 -8.53 -30.17
C GLU A 72 2.60 -9.59 -30.71
N ARG A 73 1.55 -9.89 -29.96
CA ARG A 73 0.58 -10.91 -30.38
C ARG A 73 -0.41 -10.47 -31.47
N ASP A 74 -0.47 -11.31 -32.50
CA ASP A 74 -1.29 -11.12 -33.70
C ASP A 74 -2.71 -10.68 -33.41
N PHE A 75 -3.41 -11.45 -32.60
CA PHE A 75 -4.80 -11.18 -32.30
C PHE A 75 -5.09 -9.80 -31.73
N LEU A 76 -4.10 -9.17 -31.10
CA LEU A 76 -4.30 -7.85 -30.51
C LEU A 76 -4.35 -6.69 -31.50
N LYS A 77 -3.76 -6.90 -32.67
CA LYS A 77 -3.68 -5.87 -33.69
C LYS A 77 -4.97 -5.49 -34.44
N ARG A 78 -5.14 -6.00 -35.65
CA ARG A 78 -6.33 -5.64 -36.43
C ARG A 78 -7.62 -6.31 -35.92
N PRO A 79 -7.57 -7.61 -35.54
CA PRO A 79 -8.77 -8.30 -35.04
C PRO A 79 -9.40 -7.54 -33.89
N LEU A 80 -8.59 -7.08 -32.95
CA LEU A 80 -9.07 -6.32 -31.81
C LEU A 80 -9.80 -5.06 -32.28
N GLU A 81 -9.10 -4.23 -33.06
CA GLU A 81 -9.71 -3.02 -33.56
C GLU A 81 -11.02 -3.39 -34.23
N SER A 82 -10.93 -4.37 -35.13
CA SER A 82 -12.11 -4.86 -35.85
C SER A 82 -13.24 -5.14 -34.88
N TYR A 83 -13.00 -6.08 -33.98
CA TYR A 83 -13.99 -6.48 -32.99
C TYR A 83 -14.49 -5.32 -32.13
N VAL A 84 -13.59 -4.39 -31.80
CA VAL A 84 -13.91 -3.23 -30.97
C VAL A 84 -14.94 -2.25 -31.53
N LYS A 85 -14.68 -1.71 -32.72
CA LYS A 85 -15.58 -0.74 -33.36
C LYS A 85 -17.02 -1.19 -33.46
N LYS A 86 -17.25 -2.49 -33.31
CA LYS A 86 -18.59 -3.05 -33.41
C LYS A 86 -19.25 -3.37 -32.08
N LEU A 87 -19.77 -2.35 -31.40
CA LEU A 87 -20.46 -2.54 -30.12
C LEU A 87 -20.97 -1.25 -29.46
N LYS A 88 -21.93 -1.42 -28.57
CA LYS A 88 -22.59 -0.35 -27.83
C LYS A 88 -21.74 0.88 -27.53
N VAL A 89 -20.91 0.75 -26.50
CA VAL A 89 -20.03 1.82 -26.06
C VAL A 89 -18.85 2.02 -27.00
N PRO A 90 -18.45 3.29 -27.24
CA PRO A 90 -17.32 3.54 -28.13
C PRO A 90 -16.01 3.15 -27.46
N VAL A 91 -15.27 2.25 -28.11
CA VAL A 91 -13.99 1.79 -27.60
C VAL A 91 -12.88 2.10 -28.59
N HIS A 92 -11.85 2.81 -28.15
CA HIS A 92 -10.74 3.18 -29.01
C HIS A 92 -9.50 2.39 -28.66
N VAL A 93 -8.61 2.21 -29.64
CA VAL A 93 -7.39 1.46 -29.39
C VAL A 93 -6.12 2.23 -29.72
N ILE A 94 -5.55 2.89 -28.71
CA ILE A 94 -4.32 3.67 -28.85
C ILE A 94 -3.11 2.75 -28.79
N ARG A 95 -2.06 3.07 -29.54
CA ARG A 95 -0.86 2.23 -29.55
C ARG A 95 0.47 2.92 -29.24
N MET A 96 1.18 2.39 -28.26
CA MET A 96 2.48 2.91 -27.87
C MET A 96 3.51 2.39 -28.89
N GLU A 97 4.20 3.31 -29.54
CA GLU A 97 5.19 2.95 -30.56
C GLU A 97 6.29 1.98 -30.11
N GLN A 98 7.02 2.35 -29.06
CA GLN A 98 8.08 1.50 -28.52
C GLN A 98 7.94 1.40 -27.00
N ARG A 99 7.68 0.19 -26.51
CA ARG A 99 7.50 -0.14 -25.09
C ARG A 99 7.57 1.06 -24.15
N SER A 100 6.54 1.26 -23.33
CA SER A 100 6.60 2.42 -22.44
C SER A 100 6.49 2.29 -20.93
N GLY A 101 5.58 1.46 -20.42
CA GLY A 101 5.42 1.32 -19.00
C GLY A 101 3.99 1.69 -18.63
N LEU A 102 3.52 1.31 -17.46
CA LEU A 102 2.14 1.63 -17.08
C LEU A 102 1.86 3.13 -16.97
N ILE A 103 2.71 3.85 -16.26
CA ILE A 103 2.54 5.29 -16.07
C ILE A 103 2.41 6.00 -17.39
N ARG A 104 3.39 5.80 -18.25
CA ARG A 104 3.41 6.40 -19.57
C ARG A 104 2.15 6.08 -20.38
N ALA A 105 1.73 4.82 -20.32
CA ALA A 105 0.56 4.39 -21.05
C ALA A 105 -0.73 4.98 -20.47
N ARG A 106 -0.83 5.05 -19.15
CA ARG A 106 -2.01 5.63 -18.52
C ARG A 106 -2.08 7.12 -18.83
N LEU A 107 -0.93 7.78 -18.78
CA LEU A 107 -0.86 9.19 -19.08
C LEU A 107 -1.36 9.44 -20.49
N LYS A 108 -0.92 8.59 -21.42
CA LYS A 108 -1.32 8.73 -22.80
C LYS A 108 -2.81 8.50 -23.03
N GLY A 109 -3.31 7.38 -22.51
CA GLY A 109 -4.73 7.06 -22.68
C GLY A 109 -5.65 8.02 -21.95
N ALA A 110 -5.08 8.79 -21.01
CA ALA A 110 -5.85 9.74 -20.24
C ALA A 110 -5.99 11.04 -21.01
N ALA A 111 -4.90 11.46 -21.63
CA ALA A 111 -4.93 12.69 -22.41
C ALA A 111 -5.85 12.49 -23.60
N VAL A 112 -6.14 11.23 -23.94
CA VAL A 112 -7.03 10.93 -25.05
C VAL A 112 -8.50 10.84 -24.63
N SER A 113 -8.73 10.48 -23.38
CA SER A 113 -10.11 10.36 -22.87
C SER A 113 -10.76 11.74 -22.76
N ARG A 114 -12.09 11.77 -22.74
CA ARG A 114 -12.81 13.04 -22.65
C ARG A 114 -13.88 13.06 -21.54
N GLY A 115 -13.96 11.99 -20.75
CA GLY A 115 -14.93 11.95 -19.67
C GLY A 115 -14.50 12.84 -18.52
N GLN A 116 -15.45 13.31 -17.72
CA GLN A 116 -15.08 14.18 -16.61
C GLN A 116 -14.24 13.44 -15.56
N VAL A 117 -14.49 12.15 -15.40
CA VAL A 117 -13.73 11.35 -14.43
C VAL A 117 -13.12 10.13 -15.14
N ILE A 118 -11.82 9.95 -14.96
CA ILE A 118 -11.09 8.85 -15.58
C ILE A 118 -10.98 7.65 -14.65
N THR A 119 -11.34 6.48 -15.15
CA THR A 119 -11.26 5.26 -14.35
C THR A 119 -10.18 4.36 -14.92
N PHE A 120 -9.23 3.98 -14.07
CA PHE A 120 -8.13 3.11 -14.49
C PHE A 120 -8.33 1.66 -14.06
N LEU A 121 -8.18 0.74 -15.01
CA LEU A 121 -8.31 -0.68 -14.75
C LEU A 121 -7.24 -1.43 -15.54
N ASP A 122 -7.00 -2.69 -15.19
CA ASP A 122 -6.03 -3.51 -15.90
C ASP A 122 -6.76 -4.32 -16.96
N ALA A 123 -5.99 -4.96 -17.85
CA ALA A 123 -6.57 -5.76 -18.92
C ALA A 123 -7.13 -7.09 -18.42
N HIS A 124 -6.95 -7.37 -17.13
CA HIS A 124 -7.44 -8.62 -16.53
C HIS A 124 -8.34 -8.39 -15.33
N CYS A 125 -9.46 -7.70 -15.54
CA CYS A 125 -10.40 -7.41 -14.45
C CYS A 125 -11.84 -7.81 -14.81
N GLU A 126 -12.72 -7.81 -13.82
CA GLU A 126 -14.14 -8.11 -14.01
C GLU A 126 -14.98 -7.30 -13.06
N CYS A 127 -15.81 -6.43 -13.60
CA CYS A 127 -16.67 -5.55 -12.82
C CYS A 127 -17.88 -6.22 -12.22
N THR A 128 -18.24 -5.76 -11.03
CA THR A 128 -19.37 -6.28 -10.28
C THR A 128 -20.62 -5.45 -10.56
N ALA A 129 -21.75 -5.97 -10.13
CA ALA A 129 -23.01 -5.28 -10.28
C ALA A 129 -23.00 -4.12 -9.29
N GLY A 130 -23.29 -2.92 -9.77
CA GLY A 130 -23.33 -1.77 -8.89
C GLY A 130 -21.97 -1.21 -8.57
N TRP A 131 -20.98 -1.50 -9.41
CA TRP A 131 -19.63 -1.02 -9.18
C TRP A 131 -19.39 0.46 -9.49
N LEU A 132 -19.98 0.95 -10.57
CA LEU A 132 -19.77 2.32 -11.02
C LEU A 132 -20.46 3.46 -10.27
N GLU A 133 -21.77 3.36 -10.09
CA GLU A 133 -22.53 4.41 -9.42
C GLU A 133 -21.90 4.92 -8.11
N PRO A 134 -21.56 4.02 -7.18
CA PRO A 134 -20.97 4.53 -5.96
C PRO A 134 -19.63 5.26 -6.13
N LEU A 135 -18.85 4.87 -7.13
CA LEU A 135 -17.56 5.53 -7.39
C LEU A 135 -17.78 6.99 -7.84
N LEU A 136 -18.59 7.17 -8.88
CA LEU A 136 -18.91 8.48 -9.43
C LEU A 136 -19.62 9.37 -8.42
N ALA A 137 -20.54 8.78 -7.67
CA ALA A 137 -21.29 9.51 -6.66
C ALA A 137 -20.38 10.14 -5.62
N ARG A 138 -19.30 9.43 -5.28
CA ARG A 138 -18.37 9.94 -4.29
C ARG A 138 -17.68 11.18 -4.85
N ILE A 139 -17.11 11.03 -6.05
CA ILE A 139 -16.42 12.12 -6.72
C ILE A 139 -17.33 13.32 -6.94
N LYS A 140 -18.63 13.07 -7.07
CA LYS A 140 -19.60 14.14 -7.28
C LYS A 140 -19.83 14.89 -5.99
N HIS A 141 -19.67 14.21 -4.87
CA HIS A 141 -19.82 14.82 -3.56
C HIS A 141 -18.61 15.70 -3.25
N ASP A 142 -17.45 15.32 -3.75
CA ASP A 142 -16.22 16.06 -3.53
C ASP A 142 -15.22 15.70 -4.62
N ARG A 143 -14.96 16.65 -5.51
CA ARG A 143 -14.04 16.46 -6.64
C ARG A 143 -12.61 16.03 -6.26
N ARG A 144 -12.17 16.38 -5.06
CA ARG A 144 -10.82 16.05 -4.61
C ARG A 144 -10.72 14.69 -3.90
N THR A 145 -11.64 13.79 -4.21
CA THR A 145 -11.66 12.46 -3.63
C THR A 145 -11.25 11.44 -4.70
N VAL A 146 -10.28 10.58 -4.37
CA VAL A 146 -9.84 9.55 -5.31
C VAL A 146 -10.46 8.27 -4.78
N VAL A 147 -11.06 7.49 -5.67
CA VAL A 147 -11.75 6.31 -5.23
C VAL A 147 -11.36 4.98 -5.83
N CYS A 148 -11.31 4.01 -4.93
CA CYS A 148 -10.97 2.63 -5.24
C CYS A 148 -12.13 1.72 -4.87
N PRO A 149 -12.40 0.73 -5.73
CA PRO A 149 -13.48 -0.23 -5.49
C PRO A 149 -12.80 -1.30 -4.67
N ILE A 150 -13.56 -2.21 -4.07
CA ILE A 150 -12.93 -3.29 -3.34
C ILE A 150 -12.42 -4.24 -4.43
N ILE A 151 -11.16 -4.66 -4.30
CA ILE A 151 -10.54 -5.56 -5.27
C ILE A 151 -10.79 -7.03 -4.93
N ASP A 152 -11.63 -7.67 -5.71
CA ASP A 152 -11.97 -9.07 -5.54
C ASP A 152 -10.87 -9.90 -6.24
N VAL A 153 -10.83 -11.19 -5.95
CA VAL A 153 -9.82 -12.08 -6.51
C VAL A 153 -10.33 -13.08 -7.53
N ILE A 154 -9.65 -13.12 -8.67
CA ILE A 154 -9.95 -14.07 -9.74
C ILE A 154 -8.73 -14.97 -9.84
N SER A 155 -8.95 -16.28 -9.81
CA SER A 155 -7.83 -17.20 -9.90
C SER A 155 -7.21 -17.12 -11.29
N ASP A 156 -5.90 -17.35 -11.37
CA ASP A 156 -5.22 -17.29 -12.64
C ASP A 156 -5.25 -18.65 -13.28
N ASP A 157 -5.55 -19.65 -12.46
CA ASP A 157 -5.58 -21.02 -12.93
C ASP A 157 -6.99 -21.46 -13.29
N THR A 158 -7.91 -21.33 -12.33
CA THR A 158 -9.29 -21.71 -12.56
C THR A 158 -10.15 -20.50 -12.90
N PHE A 159 -9.69 -19.33 -12.51
CA PHE A 159 -10.42 -18.10 -12.78
C PHE A 159 -11.71 -18.00 -11.97
N GLU A 160 -11.81 -18.78 -10.89
CA GLU A 160 -12.99 -18.73 -10.06
C GLU A 160 -12.92 -17.46 -9.21
N TYR A 161 -14.09 -16.99 -8.79
CA TYR A 161 -14.22 -15.73 -8.06
C TYR A 161 -14.25 -15.78 -6.53
N MET A 162 -13.59 -14.81 -5.92
CA MET A 162 -13.52 -14.69 -4.47
C MET A 162 -13.57 -13.18 -4.17
N ALA A 163 -14.63 -12.73 -3.53
CA ALA A 163 -14.74 -11.30 -3.24
C ALA A 163 -13.78 -10.86 -2.14
N GLY A 164 -13.36 -9.60 -2.24
CA GLY A 164 -12.48 -9.02 -1.25
C GLY A 164 -13.33 -8.36 -0.18
N SER A 165 -12.74 -8.19 1.00
CA SER A 165 -13.44 -7.61 2.15
C SER A 165 -13.34 -6.09 2.29
N ASP A 166 -14.37 -5.49 2.87
CA ASP A 166 -14.42 -4.06 3.10
C ASP A 166 -13.67 -3.74 4.40
N MET A 167 -13.14 -4.77 5.06
CA MET A 167 -12.39 -4.61 6.31
C MET A 167 -10.89 -4.71 6.08
N THR A 168 -10.48 -4.54 4.83
CA THR A 168 -9.07 -4.58 4.47
C THR A 168 -8.76 -3.27 3.71
N TYR A 169 -7.67 -2.60 4.06
CA TYR A 169 -7.29 -1.37 3.37
C TYR A 169 -5.79 -1.22 3.13
N GLY A 170 -5.39 -0.21 2.37
CA GLY A 170 -3.99 -0.02 2.04
C GLY A 170 -3.07 0.69 3.01
N GLY A 171 -1.91 0.06 3.24
CA GLY A 171 -0.91 0.63 4.12
C GLY A 171 0.41 0.40 3.41
N PHE A 172 1.51 0.39 4.15
CA PHE A 172 2.82 0.18 3.55
C PHE A 172 3.84 -0.12 4.64
N ASN A 173 4.95 -0.75 4.27
CA ASN A 173 6.02 -1.07 5.23
C ASN A 173 7.31 -0.26 5.05
N TRP A 174 8.25 -0.47 5.96
CA TRP A 174 9.53 0.25 5.94
C TRP A 174 10.20 0.14 4.58
N LYS A 175 10.08 -1.04 3.94
CA LYS A 175 10.68 -1.26 2.64
C LYS A 175 9.95 -0.55 1.52
N LEU A 176 8.96 0.26 1.88
CA LEU A 176 8.17 1.03 0.93
C LEU A 176 7.34 0.16 -0.01
N ASN A 177 7.04 -1.04 0.44
CA ASN A 177 6.21 -1.96 -0.33
C ASN A 177 4.78 -1.66 0.07
N PHE A 178 3.86 -1.72 -0.88
CA PHE A 178 2.45 -1.53 -0.59
C PHE A 178 2.07 -2.81 0.16
N ARG A 179 1.03 -2.76 0.98
CA ARG A 179 0.61 -3.95 1.74
C ARG A 179 -0.84 -3.82 2.17
N TRP A 180 -1.52 -4.96 2.30
CA TRP A 180 -2.91 -4.98 2.73
C TRP A 180 -2.95 -5.03 4.25
N TYR A 181 -3.77 -4.17 4.85
CA TYR A 181 -3.85 -4.14 6.30
C TYR A 181 -5.31 -4.05 6.75
N PRO A 182 -5.60 -4.58 7.95
CA PRO A 182 -6.95 -4.57 8.50
C PRO A 182 -7.45 -3.20 8.92
N VAL A 183 -8.67 -2.86 8.53
CA VAL A 183 -9.24 -1.57 8.92
C VAL A 183 -9.26 -1.53 10.46
N PRO A 184 -8.78 -0.44 11.07
CA PRO A 184 -8.76 -0.32 12.54
C PRO A 184 -10.03 0.28 13.15
N GLN A 185 -10.09 0.26 14.49
CA GLN A 185 -11.24 0.80 15.22
C GLN A 185 -11.58 2.23 14.86
N ARG A 186 -10.58 3.11 14.77
CA ARG A 186 -10.86 4.50 14.45
C ARG A 186 -11.78 4.62 13.23
N GLU A 187 -11.47 3.88 12.15
CA GLU A 187 -12.28 3.88 10.94
C GLU A 187 -13.68 3.28 11.15
N MET A 188 -13.83 2.42 12.16
CA MET A 188 -15.11 1.79 12.48
C MET A 188 -15.91 2.74 13.38
N ASP A 189 -15.20 3.40 14.28
CA ASP A 189 -15.80 4.36 15.19
C ASP A 189 -16.27 5.57 14.40
N ARG A 190 -15.48 5.98 13.41
CA ARG A 190 -15.84 7.14 12.61
C ARG A 190 -17.11 6.92 11.80
N ARG A 191 -17.32 5.69 11.34
CA ARG A 191 -18.51 5.36 10.57
C ARG A 191 -19.61 4.76 11.44
N LYS A 192 -19.37 4.78 12.75
CA LYS A 192 -20.31 4.25 13.73
C LYS A 192 -20.81 2.85 13.40
N GLY A 193 -19.96 2.08 12.72
CA GLY A 193 -20.35 0.73 12.38
C GLY A 193 -20.90 0.52 10.99
N ASP A 194 -21.37 1.58 10.33
CA ASP A 194 -21.91 1.40 8.99
C ASP A 194 -20.75 1.12 8.04
N ARG A 195 -20.59 -0.14 7.65
CA ARG A 195 -19.50 -0.50 6.76
C ARG A 195 -19.77 -0.12 5.32
N THR A 196 -20.99 0.34 5.04
CA THR A 196 -21.36 0.75 3.68
C THR A 196 -20.80 2.14 3.35
N LEU A 197 -20.26 2.81 4.36
CA LEU A 197 -19.67 4.13 4.16
C LEU A 197 -18.20 3.90 3.78
N PRO A 198 -17.70 4.64 2.77
CA PRO A 198 -16.32 4.54 2.28
C PRO A 198 -15.25 4.55 3.36
N VAL A 199 -14.14 3.88 3.08
CA VAL A 199 -13.02 3.78 3.98
C VAL A 199 -11.87 4.68 3.55
N ARG A 200 -11.34 5.46 4.49
CA ARG A 200 -10.20 6.34 4.18
C ARG A 200 -8.95 5.46 4.23
N THR A 201 -8.47 5.02 3.07
CA THR A 201 -7.30 4.16 3.01
C THR A 201 -5.98 4.94 2.93
N PRO A 202 -5.06 4.68 3.86
CA PRO A 202 -3.75 5.36 3.90
C PRO A 202 -3.01 5.26 2.56
N THR A 203 -3.14 4.14 1.88
CA THR A 203 -2.51 3.96 0.57
C THR A 203 -3.46 3.19 -0.34
N MET A 204 -3.10 3.15 -1.62
CA MET A 204 -3.89 2.49 -2.65
C MET A 204 -3.05 1.47 -3.39
N ALA A 205 -3.67 0.35 -3.75
CA ALA A 205 -2.98 -0.69 -4.48
C ALA A 205 -2.39 -0.14 -5.78
N GLY A 206 -2.96 0.96 -6.26
CA GLY A 206 -2.50 1.58 -7.50
C GLY A 206 -3.16 0.92 -8.70
N GLY A 207 -3.55 -0.33 -8.53
CA GLY A 207 -4.16 -1.07 -9.60
C GLY A 207 -5.40 -0.43 -10.20
N LEU A 208 -6.45 -0.27 -9.41
CA LEU A 208 -7.68 0.28 -9.94
C LEU A 208 -8.24 1.45 -9.13
N PHE A 209 -8.61 2.52 -9.82
CA PHE A 209 -9.17 3.70 -9.16
C PHE A 209 -9.73 4.68 -10.17
N SER A 210 -10.60 5.56 -9.70
CA SER A 210 -11.21 6.58 -10.53
C SER A 210 -10.88 7.96 -9.98
N ILE A 211 -10.68 8.93 -10.87
CA ILE A 211 -10.34 10.27 -10.42
C ILE A 211 -10.86 11.36 -11.33
N ASP A 212 -11.18 12.51 -10.74
CA ASP A 212 -11.67 13.65 -11.51
C ASP A 212 -10.58 14.00 -12.50
N ARG A 213 -10.97 14.17 -13.75
CA ARG A 213 -10.06 14.51 -14.84
C ARG A 213 -9.20 15.72 -14.48
N ASP A 214 -9.82 16.77 -13.97
CA ASP A 214 -9.10 17.97 -13.63
C ASP A 214 -8.31 17.87 -12.33
N TYR A 215 -8.71 16.95 -11.46
CA TYR A 215 -7.99 16.81 -10.20
C TYR A 215 -6.67 16.08 -10.44
N PHE A 216 -6.69 15.16 -11.38
CA PHE A 216 -5.52 14.36 -11.76
C PHE A 216 -4.40 15.31 -12.19
N GLN A 217 -4.71 16.21 -13.12
CA GLN A 217 -3.76 17.18 -13.64
C GLN A 217 -3.30 18.14 -12.56
N GLU A 218 -4.25 18.52 -11.72
CA GLU A 218 -4.03 19.45 -10.64
C GLU A 218 -3.02 19.02 -9.58
N ILE A 219 -2.97 17.72 -9.26
CA ILE A 219 -2.01 17.24 -8.28
C ILE A 219 -0.80 16.63 -8.95
N GLY A 220 -0.64 16.92 -10.24
CA GLY A 220 0.51 16.45 -10.99
C GLY A 220 0.49 15.05 -11.57
N THR A 221 -0.68 14.57 -12.00
CA THR A 221 -0.81 13.24 -12.59
C THR A 221 0.16 12.21 -11.99
N TYR A 222 1.18 11.83 -12.76
CA TYR A 222 2.20 10.88 -12.32
C TYR A 222 3.60 11.46 -12.53
N ASP A 223 4.57 10.88 -11.83
CA ASP A 223 5.98 11.30 -11.93
C ASP A 223 6.64 10.47 -13.02
N ALA A 224 6.73 11.01 -14.23
CA ALA A 224 7.32 10.31 -15.36
C ALA A 224 8.82 10.07 -15.20
N GLY A 225 9.39 10.57 -14.12
CA GLY A 225 10.82 10.36 -13.89
C GLY A 225 11.11 8.95 -13.42
N MET A 226 10.07 8.26 -12.98
CA MET A 226 10.25 6.90 -12.49
C MET A 226 10.47 5.98 -13.67
N ASP A 227 11.30 4.97 -13.48
CA ASP A 227 11.56 4.05 -14.56
C ASP A 227 10.29 3.24 -14.81
N ILE A 228 10.07 3.00 -16.09
CA ILE A 228 8.90 2.34 -16.62
C ILE A 228 8.67 0.87 -16.30
N TRP A 229 9.68 0.17 -15.81
CA TRP A 229 9.51 -1.24 -15.47
C TRP A 229 9.16 -1.37 -14.00
N GLY A 230 8.98 -0.21 -13.36
CA GLY A 230 8.66 -0.18 -11.94
C GLY A 230 7.27 -0.70 -11.65
N GLY A 231 6.26 0.08 -12.01
CA GLY A 231 4.88 -0.32 -11.78
C GLY A 231 4.07 0.57 -10.87
N GLU A 232 3.38 -0.05 -9.91
CA GLU A 232 2.54 0.67 -8.95
C GLU A 232 3.39 1.26 -7.82
N ASN A 233 2.94 2.37 -7.26
CA ASN A 233 3.68 3.03 -6.18
C ASN A 233 2.83 3.64 -5.09
N LEU A 234 3.51 3.94 -3.98
CA LEU A 234 2.88 4.59 -2.86
C LEU A 234 2.88 6.06 -3.19
N GLU A 235 3.68 6.43 -4.17
CA GLU A 235 3.85 7.83 -4.60
C GLU A 235 2.56 8.62 -4.79
N ILE A 236 1.65 8.14 -5.65
CA ILE A 236 0.41 8.88 -5.86
C ILE A 236 -0.46 8.90 -4.60
N SER A 237 -0.21 7.96 -3.69
CA SER A 237 -0.97 7.90 -2.45
C SER A 237 -0.56 9.00 -1.48
N PHE A 238 0.74 9.12 -1.24
CA PHE A 238 1.26 10.15 -0.33
C PHE A 238 0.91 11.52 -0.92
N ARG A 239 1.04 11.64 -2.23
CA ARG A 239 0.73 12.87 -2.92
C ARG A 239 -0.69 13.34 -2.66
N ILE A 240 -1.64 12.46 -2.92
CA ILE A 240 -3.04 12.83 -2.73
C ILE A 240 -3.33 13.32 -1.32
N TRP A 241 -2.90 12.57 -0.31
CA TRP A 241 -3.16 12.95 1.06
C TRP A 241 -2.43 14.23 1.47
N GLN A 242 -1.11 14.22 1.38
CA GLN A 242 -0.33 15.38 1.78
C GLN A 242 -0.75 16.65 1.05
N CYS A 243 -1.35 16.51 -0.12
CA CYS A 243 -1.75 17.70 -0.87
C CYS A 243 -3.26 17.97 -0.95
N GLY A 244 -3.91 17.97 0.20
CA GLY A 244 -5.34 18.28 0.25
C GLY A 244 -6.39 17.24 -0.11
N GLY A 245 -6.06 16.28 -0.97
CA GLY A 245 -7.04 15.27 -1.36
C GLY A 245 -7.48 14.25 -0.34
N THR A 246 -8.37 13.34 -0.77
CA THR A 246 -8.90 12.27 0.07
C THR A 246 -8.89 11.00 -0.76
N LEU A 247 -8.35 9.92 -0.20
CA LEU A 247 -8.27 8.64 -0.89
C LEU A 247 -9.18 7.63 -0.18
N GLU A 248 -10.15 7.07 -0.90
CA GLU A 248 -11.08 6.12 -0.29
C GLU A 248 -11.25 4.82 -1.05
N ILE A 249 -11.76 3.81 -0.33
CA ILE A 249 -12.10 2.51 -0.89
C ILE A 249 -13.63 2.54 -0.73
N VAL A 250 -14.36 2.68 -1.83
CA VAL A 250 -15.82 2.72 -1.76
C VAL A 250 -16.33 1.28 -1.60
N THR A 251 -16.61 0.92 -0.35
CA THR A 251 -17.04 -0.43 0.00
C THR A 251 -18.31 -0.97 -0.66
N CYS A 252 -18.95 -0.19 -1.52
CA CYS A 252 -20.15 -0.67 -2.21
C CYS A 252 -19.78 -1.07 -3.63
N SER A 253 -18.54 -0.76 -3.99
CA SER A 253 -18.02 -1.07 -5.32
C SER A 253 -17.00 -2.20 -5.23
N HIS A 254 -17.20 -3.22 -6.07
CA HIS A 254 -16.33 -4.39 -6.13
C HIS A 254 -15.89 -4.57 -7.56
N VAL A 255 -14.63 -4.92 -7.75
CA VAL A 255 -14.11 -5.17 -9.09
C VAL A 255 -13.06 -6.26 -8.98
N GLY A 256 -13.16 -7.23 -9.88
CA GLY A 256 -12.27 -8.37 -9.87
C GLY A 256 -10.93 -8.14 -10.56
N HIS A 257 -9.94 -8.94 -10.17
CA HIS A 257 -8.62 -8.83 -10.75
C HIS A 257 -7.94 -10.18 -10.65
N VAL A 258 -7.40 -10.69 -11.74
CA VAL A 258 -6.73 -11.99 -11.68
C VAL A 258 -5.35 -11.76 -11.10
N PHE A 259 -4.95 -12.63 -10.16
CA PHE A 259 -3.62 -12.53 -9.56
C PHE A 259 -2.80 -13.76 -9.97
N GLY A 272 14.97 -5.21 -8.74
CA GLY A 272 15.77 -4.75 -7.56
C GLY A 272 16.16 -3.29 -7.66
N GLN A 273 17.10 -2.99 -8.55
CA GLN A 273 17.55 -1.62 -8.76
C GLN A 273 16.37 -0.80 -9.23
N ILE A 274 15.64 -1.34 -10.21
CA ILE A 274 14.46 -0.70 -10.76
C ILE A 274 13.50 -0.30 -9.63
N ILE A 275 13.16 -1.28 -8.79
CA ILE A 275 12.26 -1.06 -7.67
C ILE A 275 12.75 0.06 -6.74
N ASN A 276 14.04 0.02 -6.39
CA ASN A 276 14.59 1.03 -5.49
C ASN A 276 14.69 2.43 -6.08
N LYS A 277 14.82 2.53 -7.40
CA LYS A 277 14.90 3.85 -8.01
C LYS A 277 13.62 4.62 -7.77
N ASN A 278 12.48 3.95 -7.94
CA ASN A 278 11.21 4.59 -7.72
C ASN A 278 10.99 4.84 -6.23
N ASN A 279 11.46 3.92 -5.38
CA ASN A 279 11.31 4.11 -3.95
C ASN A 279 12.09 5.37 -3.54
N ARG A 280 13.32 5.51 -4.01
CA ARG A 280 14.09 6.70 -3.68
C ARG A 280 13.38 7.96 -4.19
N ARG A 281 12.91 7.93 -5.43
CA ARG A 281 12.21 9.08 -5.99
C ARG A 281 11.03 9.51 -5.11
N LEU A 282 10.16 8.58 -4.76
CA LEU A 282 9.00 8.93 -3.93
C LEU A 282 9.38 9.26 -2.48
N ALA A 283 10.40 8.58 -1.96
CA ALA A 283 10.86 8.80 -0.60
C ALA A 283 11.62 10.12 -0.47
N GLU A 284 12.44 10.44 -1.46
CA GLU A 284 13.19 11.69 -1.42
C GLU A 284 12.23 12.86 -1.59
N VAL A 285 11.14 12.66 -2.31
CA VAL A 285 10.18 13.73 -2.52
C VAL A 285 9.12 13.90 -1.42
N TRP A 286 8.62 12.81 -0.86
CA TRP A 286 7.55 12.95 0.13
C TRP A 286 7.73 12.61 1.58
N MET A 287 8.64 11.72 1.90
CA MET A 287 8.77 11.27 3.28
C MET A 287 9.58 12.09 4.28
N ASP A 288 10.03 13.28 3.90
CA ASP A 288 10.79 14.13 4.80
C ASP A 288 11.84 13.28 5.54
N GLU A 289 11.95 13.41 6.86
CA GLU A 289 12.94 12.64 7.62
C GLU A 289 12.61 11.17 7.84
N PHE A 290 11.37 10.77 7.57
CA PHE A 290 10.99 9.38 7.75
C PHE A 290 11.54 8.47 6.64
N LYS A 291 12.23 9.08 5.68
CA LYS A 291 12.80 8.30 4.60
C LYS A 291 13.93 7.43 5.13
N ASN A 292 14.43 7.79 6.32
CA ASN A 292 15.51 7.06 6.94
C ASN A 292 15.10 5.65 7.36
N PHE A 293 13.82 5.46 7.66
CA PHE A 293 13.34 4.14 8.06
C PHE A 293 13.57 3.16 6.92
N PHE A 294 13.50 3.68 5.70
CA PHE A 294 13.72 2.89 4.49
C PHE A 294 15.23 2.73 4.21
N TYR A 295 15.97 3.83 4.29
CA TYR A 295 17.40 3.82 4.05
C TYR A 295 18.17 2.99 5.07
N ILE A 296 17.91 3.24 6.34
CA ILE A 296 18.61 2.55 7.41
C ILE A 296 18.55 1.02 7.31
N ILE A 297 17.44 0.47 6.81
CA ILE A 297 17.36 -0.98 6.70
C ILE A 297 17.68 -1.52 5.29
N SER A 298 18.13 -0.64 4.41
CA SER A 298 18.49 -1.03 3.04
C SER A 298 19.89 -0.55 2.73
N PRO A 299 20.88 -0.98 3.53
CA PRO A 299 22.26 -0.54 3.26
C PRO A 299 22.68 -0.79 1.82
N GLY A 300 23.20 0.25 1.19
CA GLY A 300 23.64 0.13 -0.19
C GLY A 300 22.66 0.64 -1.24
N VAL A 301 21.40 0.84 -0.85
CA VAL A 301 20.40 1.31 -1.79
C VAL A 301 20.70 2.75 -2.16
N THR A 302 21.69 3.31 -1.47
CA THR A 302 22.12 4.68 -1.68
C THR A 302 23.00 4.84 -2.93
N LYS A 303 23.38 3.71 -3.52
CA LYS A 303 24.20 3.71 -4.72
C LYS A 303 23.31 3.68 -5.96
N VAL A 304 22.02 3.49 -5.74
CA VAL A 304 21.06 3.44 -6.84
C VAL A 304 20.76 4.86 -7.28
N ASP A 305 20.99 5.16 -8.56
CA ASP A 305 20.74 6.51 -9.07
C ASP A 305 19.24 6.65 -9.30
N TYR A 306 18.64 7.67 -8.70
CA TYR A 306 17.20 7.87 -8.84
C TYR A 306 16.74 8.99 -9.76
N GLY A 307 17.65 9.52 -10.58
CA GLY A 307 17.27 10.58 -11.50
C GLY A 307 17.07 11.96 -10.91
N ASP A 308 16.32 12.80 -11.62
CA ASP A 308 16.04 14.18 -11.22
C ASP A 308 14.63 14.29 -10.64
N ILE A 309 14.51 14.91 -9.47
CA ILE A 309 13.24 15.07 -8.78
C ILE A 309 12.90 16.53 -8.54
N SER A 310 13.68 17.42 -9.16
CA SER A 310 13.50 18.86 -9.04
C SER A 310 12.09 19.26 -9.39
N SER A 311 11.61 18.76 -10.52
CA SER A 311 10.26 19.06 -10.98
C SER A 311 9.22 18.70 -9.92
N ARG A 312 9.31 17.48 -9.37
CA ARG A 312 8.36 17.02 -8.36
C ARG A 312 8.53 17.82 -7.08
N LEU A 313 9.77 18.17 -6.76
CA LEU A 313 10.00 18.96 -5.58
C LEU A 313 9.32 20.31 -5.80
N GLY A 314 9.33 20.77 -7.06
CA GLY A 314 8.69 22.02 -7.37
C GLY A 314 7.21 21.88 -7.14
N LEU A 315 6.64 20.82 -7.71
CA LEU A 315 5.21 20.54 -7.56
C LEU A 315 4.76 20.55 -6.09
N ARG A 316 5.51 19.85 -5.24
CA ARG A 316 5.15 19.79 -3.83
C ARG A 316 5.09 21.16 -3.17
N ARG A 317 6.06 22.04 -3.47
CA ARG A 317 6.05 23.36 -2.88
C ARG A 317 4.96 24.23 -3.49
N LYS A 318 4.68 24.01 -4.78
CA LYS A 318 3.63 24.78 -5.45
C LYS A 318 2.29 24.48 -4.77
N LEU A 319 1.97 23.20 -4.62
CA LEU A 319 0.71 22.79 -3.97
C LEU A 319 0.80 22.99 -2.47
N GLN A 320 1.98 23.32 -1.99
CA GLN A 320 2.21 23.52 -0.55
C GLN A 320 1.61 22.37 0.26
N CYS A 321 2.05 21.16 -0.04
CA CYS A 321 1.55 19.98 0.64
C CYS A 321 2.03 19.93 2.09
N LYS A 322 1.28 19.23 2.95
CA LYS A 322 1.64 19.09 4.35
C LYS A 322 2.72 18.03 4.52
N PRO A 323 3.43 18.05 5.67
CA PRO A 323 4.51 17.09 5.98
C PRO A 323 4.11 15.63 6.08
N PHE A 324 5.08 14.75 5.85
CA PHE A 324 4.80 13.32 5.92
C PHE A 324 4.33 12.99 7.34
N SER A 325 4.76 13.80 8.31
CA SER A 325 4.39 13.58 9.69
C SER A 325 2.92 13.86 9.91
N TRP A 326 2.42 14.89 9.23
CA TRP A 326 1.01 15.27 9.33
C TRP A 326 0.19 14.08 8.87
N TYR A 327 0.71 13.42 7.85
CA TYR A 327 0.07 12.25 7.26
C TYR A 327 0.03 11.03 8.17
N LEU A 328 1.10 10.78 8.91
CA LEU A 328 1.12 9.62 9.80
C LEU A 328 0.17 9.76 10.97
N GLU A 329 0.16 10.93 11.60
CA GLU A 329 -0.72 11.12 12.75
C GLU A 329 -2.18 11.38 12.44
N ASN A 330 -2.46 11.93 11.26
CA ASN A 330 -3.84 12.22 10.87
C ASN A 330 -4.49 11.15 10.00
N ILE A 331 -3.73 10.66 9.01
CA ILE A 331 -4.25 9.68 8.08
C ILE A 331 -3.90 8.23 8.35
N TYR A 332 -2.75 7.98 8.97
CA TYR A 332 -2.32 6.61 9.21
C TYR A 332 -1.74 6.36 10.61
N PRO A 333 -2.53 6.65 11.66
CA PRO A 333 -2.06 6.46 13.04
C PRO A 333 -1.54 5.04 13.34
N ASP A 334 -2.13 4.05 12.69
CA ASP A 334 -1.75 2.65 12.86
C ASP A 334 -0.66 2.23 11.86
N SER A 335 0.09 3.21 11.39
CA SER A 335 1.17 3.01 10.45
C SER A 335 2.21 2.01 10.99
N GLN A 336 3.01 1.43 10.09
CA GLN A 336 4.07 0.50 10.49
C GLN A 336 5.32 1.32 10.81
N ILE A 337 5.43 2.49 10.20
CA ILE A 337 6.53 3.40 10.46
C ILE A 337 6.03 4.22 11.65
N PRO A 338 6.77 4.21 12.76
CA PRO A 338 6.27 4.99 13.90
C PRO A 338 6.46 6.49 13.76
N ARG A 339 5.41 7.24 14.08
CA ARG A 339 5.41 8.70 14.02
C ARG A 339 6.32 9.25 15.13
N HIS A 340 6.34 8.57 16.26
CA HIS A 340 7.19 8.93 17.38
C HIS A 340 7.90 7.67 17.82
N TYR A 341 9.19 7.80 18.13
CA TYR A 341 9.95 6.65 18.59
C TYR A 341 11.03 7.09 19.57
N PHE A 342 11.37 6.21 20.49
CA PHE A 342 12.40 6.50 21.48
C PHE A 342 13.77 6.28 20.85
N SER A 343 13.83 5.28 19.98
CA SER A 343 15.08 4.98 19.30
C SER A 343 14.85 4.26 17.99
N LEU A 344 15.82 4.41 17.09
CA LEU A 344 15.79 3.77 15.79
C LEU A 344 17.24 3.34 15.57
N GLY A 345 17.55 2.10 15.90
CA GLY A 345 18.91 1.63 15.73
C GLY A 345 19.14 0.27 16.35
N GLU A 346 20.33 0.08 16.91
CA GLU A 346 20.67 -1.19 17.50
C GLU A 346 20.23 -1.25 18.95
N ILE A 347 19.97 -2.46 19.41
CA ILE A 347 19.59 -2.70 20.78
C ILE A 347 20.71 -3.62 21.21
N ARG A 348 21.68 -3.02 21.90
CA ARG A 348 22.89 -3.68 22.36
C ARG A 348 22.94 -4.11 23.82
N ASN A 349 23.28 -5.37 24.06
CA ASN A 349 23.40 -5.89 25.41
C ASN A 349 24.69 -5.30 25.98
N VAL A 350 24.61 -4.64 27.13
CA VAL A 350 25.81 -4.02 27.68
C VAL A 350 26.89 -5.00 28.11
N GLU A 351 26.50 -6.21 28.51
CA GLU A 351 27.49 -7.21 28.92
C GLU A 351 28.18 -7.93 27.76
N THR A 352 27.41 -8.45 26.82
CA THR A 352 28.00 -9.21 25.71
C THR A 352 28.29 -8.39 24.46
N ASN A 353 27.77 -7.17 24.41
CA ASN A 353 27.98 -6.36 23.23
C ASN A 353 27.43 -7.01 21.97
N GLN A 354 26.32 -7.74 22.10
CA GLN A 354 25.69 -8.36 20.95
C GLN A 354 24.41 -7.59 20.69
N CYS A 355 23.96 -7.63 19.45
CA CYS A 355 22.76 -6.93 19.08
C CYS A 355 21.66 -7.87 18.65
N LEU A 356 20.43 -7.48 18.95
CA LEU A 356 19.29 -8.25 18.51
C LEU A 356 19.27 -8.08 16.99
N ASP A 357 18.91 -9.11 16.25
CA ASP A 357 18.79 -8.89 14.82
C ASP A 357 17.80 -9.88 14.23
N ASN A 358 16.94 -9.38 13.34
CA ASN A 358 15.90 -10.22 12.75
C ASN A 358 16.38 -11.36 11.91
N MET A 359 17.67 -11.38 11.60
CA MET A 359 18.26 -12.46 10.81
C MET A 359 17.50 -12.70 9.50
N ALA A 360 16.83 -11.66 9.03
CA ALA A 360 16.03 -11.72 7.80
C ALA A 360 14.86 -12.69 7.91
N ARG A 361 14.60 -13.21 9.12
CA ARG A 361 13.50 -14.15 9.31
C ARG A 361 12.12 -13.51 9.15
N LYS A 362 11.10 -14.34 8.99
CA LYS A 362 9.76 -13.84 8.79
C LYS A 362 8.88 -13.88 10.04
N GLU A 363 7.65 -13.38 9.89
CA GLU A 363 6.70 -13.37 11.01
C GLU A 363 6.60 -14.72 11.72
N ASN A 364 6.49 -14.68 13.03
CA ASN A 364 6.36 -15.89 13.86
C ASN A 364 7.68 -16.58 14.15
N GLU A 365 8.78 -16.06 13.60
CA GLU A 365 10.10 -16.63 13.82
C GLU A 365 10.86 -16.03 15.00
N LYS A 366 11.80 -16.79 15.54
CA LYS A 366 12.60 -16.33 16.67
C LYS A 366 13.54 -15.19 16.28
N VAL A 367 13.60 -14.15 17.10
CA VAL A 367 14.51 -13.04 16.84
C VAL A 367 15.84 -13.55 17.38
N GLY A 368 16.91 -13.32 16.64
CA GLY A 368 18.20 -13.79 17.08
C GLY A 368 19.03 -12.71 17.73
N ILE A 369 20.22 -13.08 18.20
CA ILE A 369 21.11 -12.12 18.82
C ILE A 369 22.52 -12.46 18.37
N PHE A 370 23.25 -11.44 17.92
CA PHE A 370 24.61 -11.62 17.44
C PHE A 370 25.43 -10.37 17.62
N ASN A 371 26.74 -10.52 17.67
CA ASN A 371 27.61 -9.38 17.86
C ASN A 371 27.26 -8.20 16.96
N CYS A 372 27.11 -7.03 17.59
CA CYS A 372 26.77 -5.81 16.88
C CYS A 372 27.81 -5.47 15.84
N HIS A 373 27.44 -5.52 14.57
CA HIS A 373 28.37 -5.18 13.51
C HIS A 373 28.35 -3.67 13.26
N GLY A 374 27.44 -2.97 13.94
CA GLY A 374 27.33 -1.53 13.79
C GLY A 374 27.03 -1.04 12.39
N MET A 375 26.48 -1.90 11.54
CA MET A 375 26.18 -1.51 10.16
C MET A 375 24.69 -1.50 9.80
N GLY A 376 23.82 -1.15 10.75
CA GLY A 376 22.39 -1.09 10.49
C GLY A 376 21.73 -2.36 9.97
N GLY A 377 20.81 -2.20 9.03
CA GLY A 377 20.12 -3.33 8.43
C GLY A 377 19.26 -4.24 9.32
N ASN A 378 19.62 -5.51 9.35
CA ASN A 378 18.89 -6.50 10.13
C ASN A 378 19.06 -6.33 11.63
N GLN A 379 19.98 -5.45 12.01
CA GLN A 379 20.22 -5.18 13.42
C GLN A 379 19.53 -3.87 13.79
N VAL A 380 18.62 -3.43 12.93
CA VAL A 380 17.88 -2.20 13.17
C VAL A 380 16.54 -2.53 13.84
N PHE A 381 16.26 -1.84 14.94
CA PHE A 381 15.03 -2.03 15.68
C PHE A 381 14.56 -0.69 16.16
N SER A 382 13.27 -0.61 16.47
CA SER A 382 12.74 0.64 16.97
C SER A 382 11.89 0.38 18.19
N TYR A 383 12.17 1.13 19.25
CA TYR A 383 11.39 1.05 20.46
C TYR A 383 10.48 2.24 20.24
N THR A 384 9.26 1.96 19.84
CA THR A 384 8.30 3.00 19.49
C THR A 384 7.56 3.66 20.64
N ALA A 385 6.92 4.79 20.32
CA ALA A 385 6.13 5.49 21.31
C ALA A 385 5.09 4.52 21.89
N ASN A 386 4.65 3.55 21.09
CA ASN A 386 3.67 2.56 21.53
C ASN A 386 4.30 1.45 22.37
N LYS A 387 5.51 1.71 22.88
CA LYS A 387 6.23 0.78 23.75
C LYS A 387 6.45 -0.60 23.16
N GLU A 388 6.53 -0.67 21.84
CA GLU A 388 6.76 -1.95 21.18
C GLU A 388 8.20 -1.99 20.66
N ILE A 389 8.80 -3.17 20.65
CA ILE A 389 10.15 -3.34 20.11
C ILE A 389 9.94 -3.88 18.71
N ARG A 390 9.99 -3.02 17.71
CA ARG A 390 9.75 -3.49 16.37
C ARG A 390 10.86 -3.34 15.35
N THR A 391 10.73 -4.12 14.29
CA THR A 391 11.63 -4.12 13.14
C THR A 391 10.65 -4.27 11.98
N ASP A 392 10.48 -3.17 11.24
CA ASP A 392 9.56 -3.05 10.11
C ASP A 392 8.12 -3.25 10.55
N ASP A 393 7.55 -4.41 10.25
CA ASP A 393 6.16 -4.69 10.60
C ASP A 393 6.01 -5.81 11.61
N LEU A 394 7.13 -6.29 12.12
CA LEU A 394 7.14 -7.36 13.11
C LEU A 394 7.42 -6.71 14.47
N CYS A 395 6.93 -7.36 15.53
CA CYS A 395 7.10 -6.88 16.91
C CYS A 395 7.49 -8.05 17.80
N LEU A 396 8.35 -7.80 18.78
CA LEU A 396 8.78 -8.85 19.70
C LEU A 396 7.63 -9.26 20.58
N ASP A 397 7.34 -10.55 20.59
CA ASP A 397 6.21 -11.12 21.31
C ASP A 397 6.56 -12.28 22.24
N VAL A 398 6.04 -12.22 23.47
CA VAL A 398 6.22 -13.27 24.46
C VAL A 398 4.83 -13.68 24.95
N SER A 399 4.63 -14.99 25.11
CA SER A 399 3.34 -15.53 25.51
C SER A 399 3.37 -16.46 26.72
N LYS A 400 4.56 -16.75 27.24
CA LYS A 400 4.69 -17.63 28.40
C LYS A 400 5.97 -17.29 29.16
N LEU A 401 5.98 -17.52 30.46
CA LEU A 401 7.18 -17.21 31.21
C LEU A 401 8.36 -17.99 30.65
N ASN A 402 9.50 -17.31 30.54
CA ASN A 402 10.71 -17.92 30.01
C ASN A 402 10.56 -18.38 28.57
N GLY A 403 9.36 -18.23 28.03
CA GLY A 403 9.10 -18.64 26.66
C GLY A 403 10.00 -17.95 25.66
N PRO A 404 9.98 -18.37 24.38
CA PRO A 404 10.84 -17.75 23.36
C PRO A 404 10.28 -16.41 22.93
N VAL A 405 11.15 -15.45 22.66
CA VAL A 405 10.68 -14.16 22.19
C VAL A 405 10.69 -14.21 20.67
N THR A 406 9.51 -14.24 20.06
CA THR A 406 9.38 -14.32 18.61
C THR A 406 8.92 -13.01 17.99
N MET A 407 9.07 -12.88 16.68
CA MET A 407 8.68 -11.67 15.96
C MET A 407 7.33 -11.86 15.26
N LEU A 408 6.27 -11.29 15.82
CA LEU A 408 4.95 -11.43 15.23
C LEU A 408 4.44 -10.16 14.55
N LYS A 409 3.49 -10.33 13.64
CA LYS A 409 2.88 -9.21 12.96
C LYS A 409 2.43 -8.26 14.05
N CYS A 410 2.75 -6.98 13.91
CA CYS A 410 2.38 -6.02 14.93
C CYS A 410 0.90 -5.67 14.89
N HIS A 411 0.19 -6.03 15.94
CA HIS A 411 -1.21 -5.67 16.09
C HIS A 411 -1.00 -4.42 16.92
N HIS A 412 -1.76 -3.37 16.72
CA HIS A 412 -1.48 -2.21 17.55
C HIS A 412 -2.16 -2.26 18.93
N LEU A 413 -2.31 -3.45 19.50
CA LEU A 413 -2.98 -3.58 20.81
C LEU A 413 -2.14 -3.85 22.06
N LYS A 414 -0.84 -3.60 21.99
CA LYS A 414 0.04 -3.81 23.15
C LYS A 414 0.02 -5.22 23.70
N GLY A 415 -0.47 -5.38 24.92
CA GLY A 415 -0.55 -6.71 25.52
C GLY A 415 0.75 -7.50 25.56
N ASN A 416 0.83 -8.58 24.76
CA ASN A 416 2.04 -9.41 24.71
C ASN A 416 3.16 -8.77 23.90
N GLN A 417 2.87 -7.62 23.30
CA GLN A 417 3.88 -6.90 22.53
C GLN A 417 4.25 -5.61 23.23
N LEU A 418 3.97 -5.56 24.54
CA LEU A 418 4.27 -4.41 25.35
C LEU A 418 5.57 -4.60 26.12
N TRP A 419 6.50 -3.68 25.95
CA TRP A 419 7.77 -3.76 26.65
C TRP A 419 8.07 -2.42 27.30
N GLU A 420 8.44 -2.46 28.56
CA GLU A 420 8.74 -1.22 29.26
C GLU A 420 10.24 -1.03 29.35
N TYR A 421 10.73 0.11 28.88
CA TYR A 421 12.16 0.41 28.94
C TYR A 421 12.47 1.41 30.03
N ASP A 422 13.54 1.15 30.78
CA ASP A 422 13.98 2.07 31.82
C ASP A 422 15.35 2.63 31.39
N PRO A 423 15.35 3.84 30.82
CA PRO A 423 16.54 4.56 30.33
C PRO A 423 17.63 4.80 31.37
N VAL A 424 17.28 4.70 32.64
CA VAL A 424 18.27 4.89 33.68
C VAL A 424 18.83 3.52 33.99
N LYS A 425 17.95 2.60 34.40
CA LYS A 425 18.37 1.26 34.74
C LYS A 425 18.68 0.36 33.54
N LEU A 426 18.33 0.83 32.34
CA LEU A 426 18.62 0.09 31.10
C LEU A 426 17.90 -1.25 30.91
N THR A 427 16.82 -1.47 31.67
CA THR A 427 16.11 -2.73 31.52
C THR A 427 15.04 -2.64 30.47
N LEU A 428 14.61 -3.81 30.03
CA LEU A 428 13.57 -3.94 29.02
C LEU A 428 12.75 -5.13 29.48
N GLN A 429 11.73 -4.85 30.27
CA GLN A 429 10.92 -5.94 30.76
C GLN A 429 9.66 -6.12 29.93
N HIS A 430 9.26 -7.38 29.79
CA HIS A 430 8.06 -7.72 29.05
C HIS A 430 7.00 -7.55 30.12
N VAL A 431 6.04 -6.66 29.90
CA VAL A 431 5.01 -6.42 30.92
C VAL A 431 4.12 -7.61 31.34
N ASN A 432 3.47 -8.29 30.40
CA ASN A 432 2.61 -9.43 30.73
C ASN A 432 3.31 -10.49 31.57
N SER A 433 4.36 -11.10 31.02
CA SER A 433 5.12 -12.04 31.82
C SER A 433 5.77 -10.94 32.63
N ASN A 434 6.27 -11.19 33.83
CA ASN A 434 6.87 -10.06 34.53
C ASN A 434 8.37 -10.20 34.56
N GLN A 435 8.93 -10.65 33.45
CA GLN A 435 10.36 -10.86 33.37
C GLN A 435 11.10 -9.85 32.51
N CYS A 436 12.43 -9.97 32.52
CA CYS A 436 13.29 -9.08 31.78
C CYS A 436 13.96 -9.79 30.61
N LEU A 437 14.63 -9.03 29.75
CA LEU A 437 15.31 -9.61 28.60
C LEU A 437 16.82 -9.62 28.86
N ASP A 438 17.49 -10.75 28.62
CA ASP A 438 18.93 -10.78 28.79
C ASP A 438 19.63 -11.67 27.79
N LYS A 439 20.93 -11.85 27.97
CA LYS A 439 21.70 -12.65 27.03
C LYS A 439 21.10 -14.01 26.79
N ALA A 440 21.59 -14.68 25.75
CA ALA A 440 21.12 -16.00 25.39
C ALA A 440 21.60 -17.06 26.38
N THR A 441 20.82 -18.10 26.53
CA THR A 441 21.16 -19.19 27.42
C THR A 441 21.96 -20.21 26.58
N GLU A 442 22.32 -21.35 27.17
CA GLU A 442 23.04 -22.37 26.43
C GLU A 442 22.05 -23.31 25.75
N GLU A 443 22.52 -24.06 24.76
CA GLU A 443 21.69 -25.00 23.99
C GLU A 443 20.84 -24.18 23.01
N ASP A 444 20.54 -22.94 23.38
CA ASP A 444 19.78 -22.00 22.56
C ASP A 444 20.66 -20.74 22.54
N SER A 445 21.93 -20.99 22.21
CA SER A 445 23.01 -20.01 22.16
C SER A 445 22.83 -18.81 21.22
N GLN A 446 21.84 -18.88 20.33
CA GLN A 446 21.66 -17.78 19.38
C GLN A 446 20.37 -16.97 19.46
N VAL A 447 19.79 -16.85 20.65
CA VAL A 447 18.57 -16.07 20.77
C VAL A 447 18.48 -15.44 22.14
N PRO A 448 17.93 -14.22 22.21
CA PRO A 448 17.84 -13.59 23.54
C PRO A 448 16.86 -14.41 24.36
N SER A 449 16.82 -14.14 25.66
CA SER A 449 15.92 -14.87 26.54
C SER A 449 15.10 -13.91 27.39
N ILE A 450 14.07 -14.45 28.05
CA ILE A 450 13.22 -13.66 28.94
C ILE A 450 13.26 -14.40 30.29
N ARG A 451 13.84 -13.74 31.29
CA ARG A 451 13.99 -14.33 32.62
C ARG A 451 13.60 -13.37 33.75
N ASP A 452 13.40 -13.92 34.94
CA ASP A 452 13.04 -13.13 36.11
C ASP A 452 14.07 -12.02 36.20
N CYS A 453 13.63 -10.81 36.52
CA CYS A 453 14.54 -9.68 36.60
C CYS A 453 15.51 -9.80 37.77
N THR A 454 16.80 -9.84 37.43
CA THR A 454 17.89 -9.95 38.39
C THR A 454 18.49 -8.58 38.69
N GLY A 455 19.06 -7.97 37.66
CA GLY A 455 19.69 -6.66 37.83
C GLY A 455 21.09 -6.73 37.23
N SER A 456 21.37 -7.83 36.56
CA SER A 456 22.67 -8.05 35.95
C SER A 456 22.94 -7.11 34.78
N ARG A 457 24.19 -7.01 34.36
CA ARG A 457 24.54 -6.15 33.23
C ARG A 457 24.04 -6.88 31.99
N SER A 458 23.59 -8.12 32.22
CA SER A 458 23.10 -8.97 31.17
C SER A 458 21.65 -8.64 30.82
N GLN A 459 20.97 -7.92 31.71
CA GLN A 459 19.61 -7.52 31.46
C GLN A 459 19.59 -6.02 31.21
N GLN A 460 20.76 -5.49 30.87
CA GLN A 460 20.90 -4.07 30.58
C GLN A 460 21.10 -3.86 29.08
N TRP A 461 20.23 -3.08 28.47
CA TRP A 461 20.34 -2.86 27.05
C TRP A 461 20.49 -1.39 26.68
N LEU A 462 21.28 -1.14 25.64
CA LEU A 462 21.48 0.22 25.18
C LEU A 462 20.67 0.44 23.91
N LEU A 463 19.64 1.25 23.98
CA LEU A 463 18.84 1.53 22.80
C LEU A 463 19.44 2.83 22.29
N ARG A 464 20.34 2.70 21.33
CA ARG A 464 20.98 3.87 20.79
C ARG A 464 20.37 4.26 19.46
N ASN A 465 20.57 5.52 19.10
CA ASN A 465 20.07 6.06 17.86
C ASN A 465 21.26 6.18 16.90
N VAL A 466 21.06 5.78 15.65
CA VAL A 466 22.16 5.87 14.69
C VAL A 466 22.78 7.27 14.75
#